data_5NKN
#
_entry.id   5NKN
#
_cell.length_a   46.680
_cell.length_b   46.680
_cell.length_c   136.850
_cell.angle_alpha   90.000
_cell.angle_beta   90.000
_cell.angle_gamma   90.000
#
_symmetry.space_group_name_H-M   'P 41 2 2'
#
loop_
_entity.id
_entity.type
_entity.pdbx_description
1 polymer 'Neutrophil gelatinase-associated lipocalin'
2 non-polymer N-[(7S)-1,2,3,10-tetramethoxy-9-oxo-6,7-dihydro-5H-benzo[d]heptalen-7-yl]ethanamide
3 water water
#
_entity_poly.entity_id   1
_entity_poly.type   'polypeptide(L)'
_entity_poly.pdbx_seq_one_letter_code
;SDLIPAPPLSKVPLQQNFQDNQFHGKWYVVGVAGNGFLREDKDPIKMAATIYELKEDKSYNVTFQKFPMKKCQYMTDTLV
PGSQPGEFTLGNIKSEPGYTSWLVRVVSTNYNQHAMVFFKAVQQNREDFFITLYGRTKELTSELKENFIRFSKSLGLPEN
HIVFPVPIDQCIDG
;
_entity_poly.pdbx_strand_id   A
#
# COMPACT_ATOMS: atom_id res chain seq x y z
N SER A 1 -18.34 -6.88 -10.75
CA SER A 1 -17.49 -8.00 -11.27
C SER A 1 -17.34 -9.14 -10.25
N ASP A 2 -16.40 -10.05 -10.49
CA ASP A 2 -15.86 -10.93 -9.44
C ASP A 2 -15.36 -10.20 -8.15
N LEU A 3 -15.03 -8.91 -8.23
CA LEU A 3 -14.33 -8.19 -7.15
C LEU A 3 -15.26 -7.48 -6.14
N ILE A 4 -14.81 -7.43 -4.89
CA ILE A 4 -15.53 -6.71 -3.83
C ILE A 4 -15.41 -5.22 -4.06
N PRO A 5 -16.54 -4.48 -4.02
CA PRO A 5 -16.47 -3.06 -4.37
C PRO A 5 -15.63 -2.25 -3.41
N ALA A 6 -15.07 -1.17 -3.94
CA ALA A 6 -14.26 -0.29 -3.16
C ALA A 6 -15.15 0.44 -2.16
N PRO A 7 -14.59 0.75 -0.97
CA PRO A 7 -15.35 1.55 -0.03
C PRO A 7 -15.40 3.00 -0.50
N PRO A 8 -16.44 3.73 -0.07
CA PRO A 8 -16.34 5.17 -0.26
C PRO A 8 -15.22 5.73 0.62
N LEU A 9 -14.59 6.78 0.12
CA LEU A 9 -13.46 7.42 0.77
C LEU A 9 -13.70 7.78 2.22
N SER A 10 -14.92 8.21 2.54
CA SER A 10 -15.31 8.57 3.92
C SER A 10 -15.14 7.45 4.94
N LYS A 11 -15.23 6.19 4.49
CA LYS A 11 -14.95 5.02 5.34
C LYS A 11 -13.45 4.72 5.54
N VAL A 12 -12.56 5.44 4.85
CA VAL A 12 -11.10 5.28 5.02
C VAL A 12 -10.56 6.42 5.86
N PRO A 13 -10.17 6.13 7.13
CA PRO A 13 -9.64 7.22 7.97
C PRO A 13 -8.37 7.81 7.40
N LEU A 14 -8.13 9.07 7.75
CA LEU A 14 -6.92 9.80 7.35
C LEU A 14 -6.06 10.08 8.58
N GLN A 15 -4.78 9.73 8.48
CA GLN A 15 -3.81 10.05 9.53
C GLN A 15 -3.77 11.57 9.73
N GLN A 16 -3.93 12.01 10.97
CA GLN A 16 -4.07 13.42 11.30
C GLN A 16 -2.68 14.05 11.29
N ASN A 17 -2.58 15.26 10.75
CA ASN A 17 -1.34 16.07 10.84
C ASN A 17 -0.21 15.26 10.26
N PHE A 18 -0.40 14.74 9.05
CA PHE A 18 0.58 13.87 8.42
C PHE A 18 1.84 14.70 8.16
N GLN A 19 2.99 14.18 8.58
CA GLN A 19 4.28 14.85 8.48
C GLN A 19 5.06 14.13 7.39
N ASP A 20 5.14 14.75 6.22
CA ASP A 20 5.83 14.13 5.11
C ASP A 20 7.29 13.80 5.39
N ASN A 21 7.97 14.71 6.11
CA ASN A 21 9.39 14.51 6.45
C ASN A 21 9.58 13.25 7.30
N GLN A 22 8.70 13.02 8.26
CA GLN A 22 8.78 11.82 9.11
C GLN A 22 8.37 10.52 8.40
N PHE A 23 7.61 10.58 7.31
CA PHE A 23 7.20 9.36 6.58
C PHE A 23 8.23 8.81 5.61
N HIS A 24 9.12 9.66 5.09
CA HIS A 24 10.12 9.19 4.11
C HIS A 24 10.97 8.03 4.61
N GLY A 25 11.58 7.33 3.66
CA GLY A 25 12.51 6.27 3.95
C GLY A 25 12.02 4.88 3.57
N LYS A 26 12.61 3.89 4.23
CA LYS A 26 12.40 2.49 3.93
C LYS A 26 11.22 1.98 4.75
N TRP A 27 10.33 1.26 4.08
CA TRP A 27 9.17 0.63 4.71
C TRP A 27 9.01 -0.78 4.15
N TYR A 28 9.16 -1.77 5.03
CA TYR A 28 8.88 -3.13 4.68
C TYR A 28 7.38 -3.29 4.45
N VAL A 29 7.04 -4.10 3.46
CA VAL A 29 5.69 -4.55 3.27
C VAL A 29 5.51 -5.75 4.23
N VAL A 30 4.73 -5.55 5.28
CA VAL A 30 4.46 -6.59 6.28
C VAL A 30 3.12 -7.24 6.00
N GLY A 31 2.17 -6.47 5.43
CA GLY A 31 0.89 -7.02 4.99
C GLY A 31 0.37 -6.31 3.78
N VAL A 32 -0.33 -7.05 2.93
CA VAL A 32 -1.10 -6.46 1.86
C VAL A 32 -2.47 -7.11 1.70
N ALA A 33 -3.53 -6.28 1.70
CA ALA A 33 -4.92 -6.75 1.56
C ALA A 33 -5.66 -6.02 0.45
N GLY A 34 -6.31 -6.77 -0.43
CA GLY A 34 -7.04 -6.17 -1.54
C GLY A 34 -7.86 -7.18 -2.33
N ASN A 35 -8.81 -6.69 -3.13
CA ASN A 35 -9.67 -7.58 -3.92
C ASN A 35 -8.87 -8.40 -4.94
N GLY A 36 -7.70 -7.92 -5.35
CA GLY A 36 -6.84 -8.67 -6.28
C GLY A 36 -5.60 -9.29 -5.68
N PHE A 37 -5.53 -9.36 -4.34
CA PHE A 37 -4.47 -10.07 -3.64
C PHE A 37 -5.12 -11.33 -3.09
N LEU A 38 -4.47 -12.47 -3.27
CA LEU A 38 -5.06 -13.75 -2.90
C LEU A 38 -4.03 -14.58 -2.16
N ARG A 39 -4.31 -14.89 -0.90
CA ARG A 39 -3.50 -15.83 -0.12
C ARG A 39 -3.60 -17.24 -0.73
N GLU A 40 -2.46 -17.78 -1.13
CA GLU A 40 -2.30 -19.19 -1.46
C GLU A 40 -1.22 -19.72 -0.51
N ASP A 41 -1.61 -20.52 0.46
CA ASP A 41 -0.61 -21.11 1.39
C ASP A 41 0.43 -21.91 0.64
N LYS A 42 0.01 -22.61 -0.42
CA LYS A 42 0.93 -23.37 -1.26
C LYS A 42 1.96 -22.53 -1.99
N ASP A 43 1.70 -21.24 -2.19
CA ASP A 43 2.64 -20.35 -2.86
C ASP A 43 2.87 -19.12 -2.02
N PRO A 44 3.70 -19.28 -0.97
CA PRO A 44 4.00 -18.13 -0.13
C PRO A 44 4.85 -17.13 -0.91
N ILE A 45 4.86 -15.89 -0.46
CA ILE A 45 5.64 -14.87 -1.12
C ILE A 45 6.50 -14.07 -0.15
N LYS A 46 7.58 -13.55 -0.70
CA LYS A 46 8.44 -12.59 -0.03
C LYS A 46 8.33 -11.28 -0.83
N MET A 47 8.50 -10.17 -0.14
CA MET A 47 8.43 -8.84 -0.77
C MET A 47 9.53 -7.95 -0.23
N ALA A 48 10.23 -7.29 -1.16
CA ALA A 48 11.25 -6.32 -0.85
C ALA A 48 10.58 -5.06 -0.33
N ALA A 49 11.36 -4.30 0.43
CA ALA A 49 10.95 -3.06 1.03
C ALA A 49 10.64 -1.94 0.00
N THR A 50 9.71 -1.09 0.39
CA THR A 50 9.37 0.07 -0.37
C THR A 50 10.21 1.21 0.16
N ILE A 51 10.70 2.06 -0.76
CA ILE A 51 11.38 3.30 -0.42
C ILE A 51 10.51 4.46 -0.86
N TYR A 52 10.13 5.28 0.12
CA TYR A 52 9.42 6.52 -0.09
C TYR A 52 10.44 7.66 0.02
N GLU A 53 10.64 8.43 -1.03
CA GLU A 53 11.63 9.52 -0.97
C GLU A 53 10.91 10.83 -1.14
N LEU A 54 10.99 11.68 -0.12
CA LEU A 54 10.47 13.04 -0.20
C LEU A 54 11.37 13.94 -1.06
N LYS A 55 10.79 14.63 -2.04
CA LYS A 55 11.54 15.60 -2.88
C LYS A 55 11.24 17.06 -2.51
N GLU A 56 12.07 17.99 -3.02
CA GLU A 56 11.91 19.45 -2.84
C GLU A 56 10.46 19.89 -3.02
N ASP A 57 9.86 19.49 -4.14
CA ASP A 57 8.46 19.83 -4.45
C ASP A 57 7.37 19.16 -3.57
N LYS A 58 7.78 18.42 -2.54
CA LYS A 58 6.90 17.70 -1.61
C LYS A 58 6.12 16.50 -2.21
N SER A 59 6.37 16.19 -3.48
CA SER A 59 6.03 14.88 -4.02
C SER A 59 7.09 13.88 -3.55
N TYR A 60 6.76 12.59 -3.61
CA TYR A 60 7.74 11.54 -3.33
C TYR A 60 8.12 10.79 -4.62
N ASN A 61 9.31 10.20 -4.62
CA ASN A 61 9.59 8.99 -5.40
C ASN A 61 9.13 7.81 -4.55
N VAL A 62 8.52 6.82 -5.19
CA VAL A 62 8.20 5.57 -4.51
C VAL A 62 8.81 4.47 -5.32
N THR A 63 9.69 3.68 -4.71
CA THR A 63 10.26 2.50 -5.31
C THR A 63 9.69 1.26 -4.59
N PHE A 64 9.03 0.38 -5.34
CA PHE A 64 8.31 -0.75 -4.75
C PHE A 64 8.43 -1.95 -5.65
N GLN A 65 8.35 -3.15 -5.06
CA GLN A 65 8.33 -4.39 -5.84
C GLN A 65 7.00 -4.49 -6.59
N LYS A 66 7.09 -4.82 -7.88
CA LYS A 66 5.91 -4.86 -8.77
C LYS A 66 4.94 -6.01 -8.51
N PHE A 67 3.66 -5.71 -8.68
CA PHE A 67 2.59 -6.71 -8.70
C PHE A 67 2.72 -7.56 -9.98
N PRO A 68 2.48 -8.90 -9.91
CA PRO A 68 2.04 -9.76 -8.81
C PRO A 68 3.17 -10.47 -8.04
N MET A 69 4.33 -9.82 -7.92
CA MET A 69 5.41 -10.26 -7.04
C MET A 69 5.96 -11.66 -7.35
N LYS A 70 5.98 -12.04 -8.62
CA LYS A 70 6.57 -13.34 -9.02
C LYS A 70 8.11 -13.24 -9.20
N LYS A 71 8.58 -12.45 -10.15
CA LYS A 71 10.01 -12.14 -10.26
C LYS A 71 10.27 -10.79 -9.58
N CYS A 72 11.21 -10.72 -8.65
CA CYS A 72 11.42 -9.48 -7.89
C CYS A 72 12.04 -8.44 -8.81
N GLN A 73 11.26 -7.42 -9.09
CA GLN A 73 11.61 -6.33 -9.98
C GLN A 73 11.10 -5.07 -9.27
N TYR A 74 11.91 -4.03 -9.22
CA TYR A 74 11.49 -2.78 -8.61
C TYR A 74 10.80 -1.92 -9.67
N MET A 75 9.99 -0.99 -9.22
CA MET A 75 9.41 0.02 -10.10
C MET A 75 9.35 1.32 -9.32
N THR A 76 9.39 2.44 -10.03
CA THR A 76 9.29 3.76 -9.41
C THR A 76 8.15 4.57 -10.00
N ASP A 77 7.36 5.20 -9.12
CA ASP A 77 6.27 6.10 -9.48
C ASP A 77 6.45 7.43 -8.74
N THR A 78 5.64 8.40 -9.13
CA THR A 78 5.60 9.69 -8.45
C THR A 78 4.37 9.72 -7.59
N LEU A 79 4.56 10.18 -6.36
CA LEU A 79 3.48 10.30 -5.42
C LEU A 79 3.20 11.78 -5.29
N VAL A 80 2.19 12.23 -6.03
CA VAL A 80 1.85 13.65 -6.13
C VAL A 80 0.91 14.03 -4.98
N PRO A 81 1.24 15.09 -4.22
CA PRO A 81 0.32 15.46 -3.15
C PRO A 81 -1.07 15.83 -3.68
N GLY A 82 -2.09 15.40 -2.93
CA GLY A 82 -3.47 15.61 -3.30
C GLY A 82 -4.12 16.70 -2.48
N SER A 83 -5.44 16.57 -2.32
CA SER A 83 -6.28 17.50 -1.56
C SER A 83 -5.78 17.90 -0.15
N GLN A 84 -5.01 17.04 0.54
CA GLN A 84 -4.39 17.44 1.82
C GLN A 84 -3.28 16.49 2.29
N PRO A 85 -2.53 16.87 3.35
CA PRO A 85 -1.45 15.98 3.80
C PRO A 85 -1.93 14.58 4.21
N GLY A 86 -1.24 13.58 3.72
CA GLY A 86 -1.61 12.21 3.88
C GLY A 86 -2.19 11.64 2.60
N GLU A 87 -2.54 12.49 1.63
CA GLU A 87 -3.26 12.04 0.44
C GLU A 87 -2.50 12.35 -0.83
N PHE A 88 -2.49 11.41 -1.76
CA PHE A 88 -1.72 11.55 -2.98
C PHE A 88 -2.40 10.84 -4.14
N THR A 89 -1.92 11.14 -5.33
CA THR A 89 -2.17 10.29 -6.46
C THR A 89 -0.83 9.68 -6.89
N LEU A 90 -0.87 8.38 -7.12
CA LEU A 90 0.24 7.63 -7.66
C LEU A 90 -0.07 7.44 -9.14
N GLY A 91 0.69 8.10 -10.01
CA GLY A 91 0.43 8.06 -11.43
C GLY A 91 1.48 7.26 -12.17
N ASN A 92 1.03 6.42 -13.10
CA ASN A 92 1.94 5.85 -14.11
C ASN A 92 2.30 6.98 -15.09
N ILE A 93 3.58 7.35 -15.13
CA ILE A 93 4.01 8.53 -15.91
C ILE A 93 3.93 8.35 -17.44
N LYS A 94 3.99 7.10 -17.91
CA LYS A 94 3.88 6.75 -19.33
C LYS A 94 2.72 5.76 -19.54
N SER A 95 1.99 5.93 -20.63
CA SER A 95 0.83 5.08 -20.96
C SER A 95 1.31 3.71 -21.49
N GLU A 96 1.09 2.65 -20.71
CA GLU A 96 1.67 1.31 -20.95
C GLU A 96 0.66 0.18 -20.66
N PRO A 97 0.83 -1.03 -21.26
CA PRO A 97 -0.20 -2.09 -21.32
C PRO A 97 -1.16 -2.20 -20.11
N GLY A 98 -0.59 -2.40 -18.91
CA GLY A 98 -1.34 -2.39 -17.66
C GLY A 98 -1.19 -1.03 -17.01
N TYR A 99 -2.27 -0.23 -17.06
CA TYR A 99 -2.22 1.20 -16.69
C TYR A 99 -3.40 1.70 -15.87
N THR A 100 -3.14 2.11 -14.63
CA THR A 100 -4.06 2.96 -13.89
C THR A 100 -3.35 3.81 -12.86
N SER A 101 -3.99 4.91 -12.50
CA SER A 101 -3.57 5.74 -11.40
C SER A 101 -4.35 5.33 -10.16
N TRP A 102 -3.77 5.69 -9.00
CA TRP A 102 -4.30 5.35 -7.71
C TRP A 102 -4.38 6.56 -6.82
N LEU A 103 -5.47 6.65 -6.09
CA LEU A 103 -5.55 7.58 -4.97
C LEU A 103 -4.91 6.87 -3.78
N VAL A 104 -4.07 7.62 -3.06
CA VAL A 104 -3.32 7.07 -1.95
C VAL A 104 -3.68 7.85 -0.70
N ARG A 105 -4.12 7.15 0.35
CA ARG A 105 -4.44 7.78 1.62
C ARG A 105 -3.75 7.07 2.76
N VAL A 106 -2.92 7.80 3.50
CA VAL A 106 -2.28 7.23 4.68
C VAL A 106 -3.35 7.20 5.78
N VAL A 107 -3.69 5.99 6.22
CA VAL A 107 -4.76 5.78 7.19
C VAL A 107 -4.30 6.08 8.65
N SER A 108 -3.14 5.53 9.02
CA SER A 108 -2.52 5.71 10.34
C SER A 108 -1.06 5.35 10.24
N THR A 109 -0.25 6.04 11.03
CA THR A 109 1.18 5.77 11.11
C THR A 109 1.68 6.42 12.38
N ASN A 110 2.74 5.86 12.95
CA ASN A 110 3.45 6.57 13.99
C ASN A 110 4.85 6.87 13.55
N TYR A 111 5.08 6.75 12.24
CA TYR A 111 6.31 7.12 11.56
C TYR A 111 7.50 6.23 11.86
N ASN A 112 7.72 5.88 13.14
CA ASN A 112 8.93 5.12 13.52
C ASN A 112 8.70 3.62 13.63
N GLN A 113 7.46 3.16 13.43
CA GLN A 113 7.14 1.74 13.63
C GLN A 113 6.24 1.20 12.51
N HIS A 114 5.00 1.69 12.45
CA HIS A 114 4.03 1.17 11.49
C HIS A 114 3.44 2.27 10.61
N ALA A 115 2.88 1.83 9.48
CA ALA A 115 1.96 2.63 8.70
C ALA A 115 0.96 1.71 8.01
N MET A 116 -0.23 2.25 7.81
CA MET A 116 -1.23 1.59 7.05
C MET A 116 -1.69 2.58 5.99
N VAL A 117 -1.68 2.14 4.73
CA VAL A 117 -1.94 3.00 3.59
C VAL A 117 -2.93 2.36 2.65
N PHE A 118 -3.93 3.16 2.24
CA PHE A 118 -5.02 2.74 1.36
C PHE A 118 -4.79 3.27 -0.05
N PHE A 119 -5.06 2.42 -1.03
CA PHE A 119 -4.87 2.70 -2.43
C PHE A 119 -6.15 2.37 -3.17
N LYS A 120 -6.69 3.31 -3.94
CA LYS A 120 -7.86 3.06 -4.77
C LYS A 120 -7.64 3.47 -6.21
N ALA A 121 -7.97 2.56 -7.12
CA ALA A 121 -7.86 2.82 -8.53
C ALA A 121 -8.83 3.93 -8.92
N VAL A 122 -8.37 4.91 -9.70
CA VAL A 122 -9.24 5.99 -10.19
C VAL A 122 -9.83 5.69 -11.60
N GLN A 123 -9.49 4.54 -12.18
CA GLN A 123 -10.06 4.08 -13.45
C GLN A 123 -11.56 3.76 -13.30
N GLN A 124 -12.37 4.31 -14.22
CA GLN A 124 -13.85 4.31 -14.20
C GLN A 124 -14.56 3.02 -13.75
N ASN A 125 -14.22 1.90 -14.41
CA ASN A 125 -14.80 0.58 -14.14
C ASN A 125 -13.79 -0.34 -13.42
N ARG A 126 -13.20 0.18 -12.33
CA ARG A 126 -12.33 -0.61 -11.46
C ARG A 126 -12.71 -0.41 -10.00
N GLU A 127 -13.08 -1.53 -9.38
CA GLU A 127 -13.31 -1.59 -7.95
C GLU A 127 -11.99 -1.73 -7.21
N ASP A 128 -10.86 -1.83 -7.92
CA ASP A 128 -9.60 -2.24 -7.33
C ASP A 128 -9.18 -1.31 -6.19
N PHE A 129 -8.95 -1.93 -5.06
CA PHE A 129 -8.35 -1.25 -3.95
C PHE A 129 -7.52 -2.23 -3.17
N PHE A 130 -6.57 -1.69 -2.43
CA PHE A 130 -5.79 -2.47 -1.51
C PHE A 130 -5.25 -1.59 -0.38
N ILE A 131 -4.92 -2.27 0.72
CA ILE A 131 -4.36 -1.64 1.91
C ILE A 131 -3.04 -2.33 2.19
N THR A 132 -2.00 -1.52 2.38
CA THR A 132 -0.66 -1.98 2.71
C THR A 132 -0.38 -1.68 4.20
N LEU A 133 0.10 -2.69 4.90
CA LEU A 133 0.60 -2.56 6.26
C LEU A 133 2.10 -2.50 6.12
N TYR A 134 2.67 -1.33 6.44
CA TYR A 134 4.10 -1.13 6.39
C TYR A 134 4.72 -1.17 7.79
N GLY A 135 5.94 -1.68 7.90
CA GLY A 135 6.72 -1.59 9.15
C GLY A 135 8.12 -1.09 8.87
N ARG A 136 8.70 -0.35 9.83
CA ARG A 136 10.10 0.05 9.74
C ARG A 136 11.01 -1.14 9.92
N THR A 137 10.53 -2.15 10.61
CA THR A 137 11.21 -3.41 10.77
C THR A 137 10.39 -4.47 10.04
N LYS A 138 11.02 -5.62 9.82
CA LYS A 138 10.39 -6.76 9.15
C LYS A 138 9.28 -7.37 9.99
N GLU A 139 9.27 -7.03 11.27
CA GLU A 139 8.42 -7.67 12.26
C GLU A 139 7.58 -6.51 12.81
N LEU A 140 6.29 -6.72 12.96
CA LEU A 140 5.44 -5.82 13.70
C LEU A 140 4.74 -6.71 14.73
N THR A 141 4.08 -6.09 15.70
CA THR A 141 3.40 -6.81 16.78
C THR A 141 2.09 -7.47 16.32
N SER A 142 1.65 -8.47 17.09
CA SER A 142 0.39 -9.16 16.83
C SER A 142 -0.80 -8.24 16.83
N GLU A 143 -0.84 -7.33 17.81
CA GLU A 143 -1.88 -6.31 17.93
C GLU A 143 -1.97 -5.42 16.67
N LEU A 144 -0.83 -4.99 16.15
CA LEU A 144 -0.78 -4.20 14.93
C LEU A 144 -1.23 -4.99 13.68
N LYS A 145 -0.85 -6.25 13.60
CA LYS A 145 -1.33 -7.12 12.50
C LYS A 145 -2.82 -7.48 12.59
N GLU A 146 -3.36 -7.63 13.81
CA GLU A 146 -4.80 -7.88 13.98
C GLU A 146 -5.62 -6.62 13.69
N ASN A 147 -5.12 -5.47 14.09
CA ASN A 147 -5.77 -4.22 13.73
C ASN A 147 -5.90 -4.06 12.20
N PHE A 148 -4.85 -4.42 11.44
CA PHE A 148 -4.86 -4.43 9.95
C PHE A 148 -5.85 -5.42 9.36
N ILE A 149 -5.91 -6.61 9.92
CA ILE A 149 -6.92 -7.60 9.55
C ILE A 149 -8.34 -7.07 9.81
N ARG A 150 -8.56 -6.44 10.97
CA ARG A 150 -9.92 -5.97 11.31
C ARG A 150 -10.32 -4.80 10.41
N PHE A 151 -9.42 -3.85 10.18
CA PHE A 151 -9.68 -2.79 9.23
C PHE A 151 -10.04 -3.35 7.85
N SER A 152 -9.20 -4.28 7.35
CA SER A 152 -9.43 -4.88 6.06
C SER A 152 -10.78 -5.60 5.98
N LYS A 153 -11.12 -6.35 7.03
CA LYS A 153 -12.43 -7.03 7.07
C LYS A 153 -13.60 -6.05 7.15
N SER A 154 -13.46 -4.96 7.89
CA SER A 154 -14.47 -3.91 7.91
C SER A 154 -14.78 -3.26 6.53
N LEU A 155 -13.87 -3.35 5.55
CA LEU A 155 -14.12 -2.93 4.17
C LEU A 155 -14.56 -4.11 3.28
N GLY A 156 -14.90 -5.25 3.88
CA GLY A 156 -15.48 -6.37 3.16
C GLY A 156 -14.51 -7.37 2.56
N LEU A 157 -13.23 -7.25 2.90
CA LEU A 157 -12.23 -8.19 2.39
C LEU A 157 -12.24 -9.50 3.20
N PRO A 158 -12.39 -10.64 2.52
CA PRO A 158 -12.23 -11.90 3.22
C PRO A 158 -10.78 -12.09 3.73
N GLU A 159 -10.63 -12.97 4.72
CA GLU A 159 -9.32 -13.20 5.33
C GLU A 159 -8.29 -13.77 4.33
N ASN A 160 -8.76 -14.52 3.33
CA ASN A 160 -7.88 -15.04 2.26
C ASN A 160 -7.51 -14.02 1.16
N HIS A 161 -7.94 -12.78 1.33
CA HIS A 161 -7.51 -11.65 0.51
C HIS A 161 -6.57 -10.76 1.33
N ILE A 162 -6.09 -11.29 2.45
CA ILE A 162 -5.16 -10.61 3.34
C ILE A 162 -3.89 -11.46 3.31
N VAL A 163 -2.79 -10.89 2.82
CA VAL A 163 -1.54 -11.60 2.67
C VAL A 163 -0.46 -11.01 3.57
N PHE A 164 0.30 -11.90 4.21
CA PHE A 164 1.49 -11.52 4.97
C PHE A 164 2.72 -12.09 4.31
N PRO A 165 3.41 -11.25 3.48
CA PRO A 165 4.59 -11.74 2.82
C PRO A 165 5.74 -11.82 3.80
N VAL A 166 6.77 -12.57 3.43
CA VAL A 166 8.01 -12.54 4.18
C VAL A 166 8.73 -11.27 3.71
N PRO A 167 8.93 -10.28 4.60
CA PRO A 167 9.65 -9.08 4.16
C PRO A 167 11.14 -9.36 3.99
N ILE A 168 11.74 -8.79 2.96
CA ILE A 168 13.16 -8.84 2.73
C ILE A 168 13.65 -7.42 2.37
N ASP A 169 14.95 -7.20 2.47
CA ASP A 169 15.54 -5.90 2.16
C ASP A 169 15.54 -5.65 0.68
N GLN A 170 16.22 -6.53 -0.04
CA GLN A 170 16.44 -6.36 -1.46
C GLN A 170 15.79 -7.49 -2.25
N CYS A 171 15.64 -7.27 -3.55
CA CYS A 171 15.37 -8.38 -4.49
C CYS A 171 16.52 -9.40 -4.44
N ILE A 172 16.20 -10.67 -4.74
CA ILE A 172 17.22 -11.74 -4.83
C ILE A 172 17.03 -12.58 -6.10
#